data_5SCM
#
_entry.id   5SCM
#
_cell.length_a   29.920
_cell.length_b   68.550
_cell.length_c   77.450
_cell.angle_alpha   90.000
_cell.angle_beta   90.000
_cell.angle_gamma   90.000
#
_symmetry.space_group_name_H-M   'P 21 21 21'
#
loop_
_entity.id
_entity.type
_entity.pdbx_description
1 polymer 'Dihydrofolate reductase'
2 non-polymer 'IODIDE ION'
3 non-polymer 1,2-ETHANEDIOL
4 non-polymer 'ethyl 3-(2-{3-[(2,4-diamino-6-ethylpyrimidin-5-yl)oxy]propoxy}phenyl)propanoate'
5 non-polymer 'NADP NICOTINAMIDE-ADENINE-DINUCLEOTIDE PHOSPHATE'
6 water water
#
_entity_poly.entity_id   1
_entity_poly.type   'polypeptide(L)'
_entity_poly.pdbx_seq_one_letter_code
;MGSSHHHHHHSSGLVPRGSHMVGLIWAQATSGVIGRGGDIPWRLPEDQAHFREITMGHTIVMGRRTWDSLPAKVRPLPGR
RNVVLSRQADFMASGAEVVGSLEEALTSPETWVIGGGQVYALALPYATRCEVTEVDIGLPREAGDALAPVLDETWRGETG
EWRFSRSGLRYRLYSYHRS
;
_entity_poly.pdbx_strand_id   A
#
loop_
_chem_comp.id
_chem_comp.type
_chem_comp.name
_chem_comp.formula
EDO non-polymer 1,2-ETHANEDIOL 'C2 H6 O2'
GHU non-polymer 'ethyl 3-(2-{3-[(2,4-diamino-6-ethylpyrimidin-5-yl)oxy]propoxy}phenyl)propanoate' 'C20 H28 N4 O4'
IOD non-polymer 'IODIDE ION' 'I -1'
NAP non-polymer 'NADP NICOTINAMIDE-ADENINE-DINUCLEOTIDE PHOSPHATE' 'C21 H28 N7 O17 P3'
#
# COMPACT_ATOMS: atom_id res chain seq x y z
N VAL A 15 -11.41 -14.35 -17.46
CA VAL A 15 -10.01 -14.01 -17.21
C VAL A 15 -9.15 -15.26 -17.09
N PRO A 16 -8.47 -15.64 -18.18
CA PRO A 16 -7.57 -16.80 -18.16
C PRO A 16 -6.44 -16.66 -17.13
N ARG A 17 -6.07 -17.78 -16.51
CA ARG A 17 -5.02 -17.78 -15.50
C ARG A 17 -3.65 -17.57 -16.13
N GLY A 18 -2.64 -17.31 -15.29
CA GLY A 18 -1.28 -17.24 -15.77
C GLY A 18 -0.69 -15.84 -15.95
N SER A 19 -1.32 -14.85 -15.35
CA SER A 19 -0.81 -13.49 -15.41
C SER A 19 -0.20 -13.06 -14.07
N HIS A 20 0.73 -12.12 -14.12
CA HIS A 20 1.40 -11.63 -12.90
C HIS A 20 0.98 -10.20 -12.56
N MET A 21 -0.11 -10.08 -11.82
CA MET A 21 -0.66 -8.76 -11.53
C MET A 21 0.11 -8.09 -10.39
N VAL A 22 0.56 -6.86 -10.63
CA VAL A 22 1.17 -6.03 -9.58
C VAL A 22 0.21 -4.88 -9.26
N GLY A 23 -0.19 -4.78 -8.00
CA GLY A 23 -1.06 -3.71 -7.59
C GLY A 23 -0.43 -2.86 -6.50
N LEU A 24 -0.84 -1.60 -6.45
CA LEU A 24 -0.45 -0.72 -5.35
CA LEU A 24 -0.47 -0.70 -5.36
C LEU A 24 -1.69 -0.43 -4.51
N ILE A 25 -1.52 -0.41 -3.19
CA ILE A 25 -2.66 -0.08 -2.34
C ILE A 25 -2.18 0.92 -1.27
N TRP A 26 -2.91 2.02 -1.10
CA TRP A 26 -2.58 2.98 -0.06
C TRP A 26 -3.79 3.81 0.39
N ALA A 27 -3.62 4.46 1.54
CA ALA A 27 -4.60 5.42 2.03
C ALA A 27 -3.93 6.78 2.15
N GLN A 28 -4.53 7.79 1.54
CA GLN A 28 -3.91 9.12 1.58
C GLN A 28 -4.88 10.20 2.06
N ALA A 29 -4.33 11.21 2.73
CA ALA A 29 -5.06 12.45 2.93
C ALA A 29 -5.21 13.13 1.56
N THR A 30 -6.07 14.15 1.50
CA THR A 30 -6.30 14.90 0.28
C THR A 30 -4.99 15.41 -0.32
N SER A 31 -4.07 15.83 0.54
CA SER A 31 -2.79 16.37 0.12
C SER A 31 -1.85 15.36 -0.50
N GLY A 32 -2.15 14.08 -0.31
CA GLY A 32 -1.25 13.04 -0.73
C GLY A 32 -0.36 12.52 0.39
N VAL A 33 -0.46 13.13 1.57
CA VAL A 33 0.27 12.60 2.73
C VAL A 33 -0.21 11.19 3.07
N ILE A 34 0.73 10.24 3.19
CA ILE A 34 0.37 8.89 3.63
C ILE A 34 1.04 8.51 4.94
N GLY A 35 2.11 9.20 5.31
CA GLY A 35 2.87 8.81 6.48
C GLY A 35 3.54 9.99 7.15
N ARG A 36 3.62 9.93 8.47
CA ARG A 36 4.21 10.99 9.25
C ARG A 36 4.70 10.40 10.58
N GLY A 37 5.92 10.73 10.98
CA GLY A 37 6.49 10.24 12.22
C GLY A 37 6.56 8.72 12.30
N GLY A 38 6.78 8.06 11.17
CA GLY A 38 6.91 6.61 11.13
C GLY A 38 5.57 5.92 11.36
N ASP A 39 4.49 6.64 11.10
CA ASP A 39 3.14 6.15 11.37
C ASP A 39 2.21 6.67 10.27
N ILE A 40 0.98 6.16 10.22
CA ILE A 40 -0.10 6.77 9.44
C ILE A 40 -0.84 7.74 10.36
N PRO A 41 -0.98 9.02 9.96
CA PRO A 41 -1.49 10.05 10.89
C PRO A 41 -3.02 10.10 11.05
N TRP A 42 -3.69 8.97 10.91
CA TRP A 42 -5.11 8.85 11.26
C TRP A 42 -5.38 7.38 11.55
N ARG A 43 -6.57 7.10 12.06
CA ARG A 43 -6.98 5.72 12.22
C ARG A 43 -8.36 5.51 11.60
N LEU A 44 -8.45 4.48 10.77
CA LEU A 44 -9.63 4.22 9.98
C LEU A 44 -9.79 2.72 9.87
N PRO A 45 -10.44 2.10 10.86
CA PRO A 45 -10.65 0.65 10.90
C PRO A 45 -11.29 0.13 9.62
N GLU A 46 -12.22 0.90 9.07
CA GLU A 46 -12.88 0.53 7.82
C GLU A 46 -11.84 0.34 6.70
N ASP A 47 -10.81 1.16 6.71
CA ASP A 47 -9.77 1.06 5.70
C ASP A 47 -8.86 -0.14 5.98
N GLN A 48 -8.63 -0.45 7.25
CA GLN A 48 -7.87 -1.66 7.58
C GLN A 48 -8.59 -2.90 7.06
N ALA A 49 -9.92 -2.95 7.24
CA ALA A 49 -10.72 -4.08 6.75
C ALA A 49 -10.66 -4.19 5.22
N HIS A 50 -10.71 -3.03 4.55
CA HIS A 50 -10.63 -2.92 3.09
C HIS A 50 -9.26 -3.39 2.58
N PHE A 51 -8.23 -2.95 3.29
CA PHE A 51 -6.85 -3.31 2.93
C PHE A 51 -6.66 -4.81 3.06
N ARG A 52 -7.13 -5.36 4.18
CA ARG A 52 -7.03 -6.78 4.41
C ARG A 52 -7.74 -7.56 3.30
N GLU A 53 -8.93 -7.09 2.94
CA GLU A 53 -9.76 -7.77 1.95
C GLU A 53 -9.07 -7.86 0.59
N ILE A 54 -8.55 -6.72 0.13
CA ILE A 54 -7.87 -6.67 -1.16
C ILE A 54 -6.62 -7.57 -1.17
N THR A 55 -5.84 -7.54 -0.11
CA THR A 55 -4.53 -8.18 -0.15
C THR A 55 -4.53 -9.64 0.28
N MET A 56 -5.61 -10.07 0.92
CA MET A 56 -5.62 -11.41 1.51
C MET A 56 -5.33 -12.50 0.48
N GLY A 57 -4.43 -13.40 0.86
CA GLY A 57 -4.11 -14.57 0.07
C GLY A 57 -3.04 -14.32 -0.96
N HIS A 58 -2.57 -13.07 -1.02
CA HIS A 58 -1.56 -12.68 -2.01
C HIS A 58 -0.23 -12.34 -1.38
N THR A 59 0.75 -12.08 -2.23
CA THR A 59 2.04 -11.60 -1.77
C THR A 59 1.94 -10.10 -1.48
N ILE A 60 2.42 -9.67 -0.32
CA ILE A 60 2.54 -8.23 -0.08
C ILE A 60 4.01 -7.83 0.01
N VAL A 61 4.31 -6.68 -0.60
CA VAL A 61 5.66 -6.14 -0.61
C VAL A 61 5.68 -4.79 0.08
N MET A 62 6.64 -4.60 0.97
CA MET A 62 6.70 -3.34 1.70
C MET A 62 8.15 -2.93 1.92
N GLY A 63 8.36 -1.63 2.09
CA GLY A 63 9.69 -1.15 2.43
C GLY A 63 10.02 -1.44 3.87
N ARG A 64 11.30 -1.39 4.21
CA ARG A 64 11.72 -1.73 5.56
C ARG A 64 11.07 -0.80 6.58
N ARG A 65 10.91 0.49 6.25
CA ARG A 65 10.32 1.43 7.21
C ARG A 65 8.85 1.11 7.50
N THR A 66 8.14 0.58 6.51
CA THR A 66 6.75 0.17 6.67
C THR A 66 6.69 -1.07 7.56
N TRP A 67 7.58 -2.04 7.30
CA TRP A 67 7.69 -3.19 8.20
C TRP A 67 7.91 -2.73 9.65
N ASP A 68 8.84 -1.79 9.84
CA ASP A 68 9.13 -1.26 11.18
C ASP A 68 7.93 -0.56 11.79
N SER A 69 7.07 0.00 10.94
CA SER A 69 5.92 0.77 11.40
C SER A 69 4.84 -0.14 11.99
N LEU A 70 4.93 -1.42 11.68
CA LEU A 70 3.97 -2.40 12.20
C LEU A 70 4.42 -2.89 13.57
N PRO A 71 3.52 -2.91 14.55
CA PRO A 71 3.85 -3.48 15.86
C PRO A 71 4.29 -4.92 15.72
N ALA A 72 5.28 -5.35 16.49
CA ALA A 72 5.77 -6.72 16.43
C ALA A 72 4.61 -7.71 16.56
N LYS A 73 3.63 -7.36 17.40
CA LYS A 73 2.49 -8.22 17.69
C LYS A 73 1.65 -8.57 16.46
N VAL A 74 1.69 -7.74 15.43
CA VAL A 74 0.83 -7.97 14.27
C VAL A 74 1.60 -8.52 13.08
N ARG A 75 2.92 -8.58 13.19
CA ARG A 75 3.80 -9.01 12.08
C ARG A 75 4.14 -10.50 12.14
N PRO A 76 4.23 -11.16 10.97
CA PRO A 76 3.90 -10.72 9.61
C PRO A 76 2.39 -10.67 9.45
N LEU A 77 1.89 -9.85 8.54
CA LEU A 77 0.45 -9.75 8.35
C LEU A 77 -0.09 -11.10 7.89
N PRO A 78 -1.16 -11.57 8.56
CA PRO A 78 -1.64 -12.96 8.40
C PRO A 78 -2.23 -13.27 7.02
N GLY A 79 -2.01 -14.51 6.56
CA GLY A 79 -2.65 -15.00 5.35
C GLY A 79 -2.04 -14.48 4.06
N ARG A 80 -0.89 -13.83 4.19
CA ARG A 80 -0.20 -13.23 3.05
C ARG A 80 1.28 -13.51 3.14
N ARG A 81 1.94 -13.69 1.99
CA ARG A 81 3.38 -13.84 1.94
C ARG A 81 4.03 -12.47 2.06
N ASN A 82 4.66 -12.20 3.21
CA ASN A 82 5.24 -10.90 3.52
C ASN A 82 6.64 -10.75 2.94
N VAL A 83 6.87 -9.72 2.13
CA VAL A 83 8.18 -9.45 1.55
C VAL A 83 8.61 -8.05 1.96
N VAL A 84 9.84 -7.92 2.45
CA VAL A 84 10.37 -6.64 2.89
C VAL A 84 11.58 -6.24 2.03
N LEU A 85 11.51 -5.04 1.48
CA LEU A 85 12.62 -4.49 0.71
C LEU A 85 13.56 -3.72 1.61
N SER A 86 14.82 -4.10 1.62
CA SER A 86 15.85 -3.40 2.39
C SER A 86 17.20 -3.45 1.66
N ARG A 87 18.05 -2.46 1.92
CA ARG A 87 19.43 -2.53 1.44
C ARG A 87 20.35 -3.23 2.44
N GLN A 88 19.78 -3.63 3.58
CA GLN A 88 20.56 -4.31 4.61
C GLN A 88 20.44 -5.81 4.46
N ALA A 89 21.50 -6.47 4.02
CA ALA A 89 21.45 -7.91 3.78
C ALA A 89 21.20 -8.70 5.07
N ASP A 90 21.53 -8.11 6.22
CA ASP A 90 21.37 -8.81 7.48
C ASP A 90 20.11 -8.42 8.24
N PHE A 91 19.14 -7.80 7.55
CA PHE A 91 17.94 -7.36 8.25
C PHE A 91 17.14 -8.56 8.75
N MET A 92 16.73 -8.50 10.02
CA MET A 92 15.93 -9.56 10.60
C MET A 92 14.45 -9.15 10.56
N ALA A 93 13.67 -9.88 9.77
CA ALA A 93 12.23 -9.64 9.67
C ALA A 93 11.53 -10.96 9.90
N SER A 94 11.23 -11.24 11.17
CA SER A 94 10.69 -12.52 11.58
C SER A 94 9.38 -12.83 10.86
N GLY A 95 9.37 -13.94 10.14
CA GLY A 95 8.18 -14.38 9.45
C GLY A 95 8.03 -13.87 8.04
N ALA A 96 8.98 -13.03 7.61
CA ALA A 96 8.96 -12.45 6.27
C ALA A 96 10.27 -12.75 5.55
N GLU A 97 10.30 -12.53 4.24
CA GLU A 97 11.53 -12.64 3.49
C GLU A 97 12.03 -11.24 3.14
N VAL A 98 13.34 -11.09 3.01
CA VAL A 98 13.94 -9.81 2.69
C VAL A 98 14.59 -9.84 1.29
N VAL A 99 14.25 -8.86 0.46
CA VAL A 99 14.87 -8.75 -0.86
C VAL A 99 15.60 -7.42 -0.92
N GLY A 100 16.62 -7.33 -1.79
CA GLY A 100 17.43 -6.13 -1.92
C GLY A 100 17.14 -5.29 -3.15
N SER A 101 16.11 -5.69 -3.89
CA SER A 101 15.61 -4.96 -5.05
C SER A 101 14.23 -5.53 -5.38
N LEU A 102 13.49 -4.87 -6.25
CA LEU A 102 12.17 -5.39 -6.62
C LEU A 102 12.27 -6.43 -7.75
N GLU A 103 13.48 -6.68 -8.24
CA GLU A 103 13.68 -7.56 -9.38
C GLU A 103 13.07 -8.95 -9.18
N GLU A 104 13.12 -9.43 -7.94
CA GLU A 104 12.57 -10.75 -7.64
C GLU A 104 11.47 -10.66 -6.59
N ALA A 105 10.90 -9.47 -6.42
CA ALA A 105 9.85 -9.29 -5.44
C ALA A 105 8.47 -9.41 -6.08
N LEU A 106 8.43 -9.40 -7.42
CA LEU A 106 7.18 -9.36 -8.15
C LEU A 106 6.91 -10.66 -8.93
N THR A 107 7.37 -11.78 -8.39
CA THR A 107 7.27 -13.06 -9.10
C THR A 107 5.94 -13.78 -8.89
N SER A 108 5.16 -13.35 -7.92
CA SER A 108 3.91 -14.03 -7.58
C SER A 108 2.83 -13.72 -8.63
N PRO A 109 1.79 -14.59 -8.71
CA PRO A 109 0.68 -14.35 -9.64
C PRO A 109 -0.07 -13.06 -9.32
N GLU A 110 -0.12 -12.72 -8.04
CA GLU A 110 -0.70 -11.45 -7.63
C GLU A 110 0.09 -10.86 -6.48
N THR A 111 0.60 -9.64 -6.67
CA THR A 111 1.42 -9.00 -5.66
C THR A 111 0.83 -7.63 -5.34
N TRP A 112 0.70 -7.32 -4.06
CA TRP A 112 0.29 -5.97 -3.65
C TRP A 112 1.40 -5.25 -2.92
N VAL A 113 1.79 -4.11 -3.48
CA VAL A 113 2.77 -3.24 -2.85
C VAL A 113 2.03 -2.39 -1.83
N ILE A 114 2.42 -2.50 -0.56
CA ILE A 114 1.60 -1.91 0.51
C ILE A 114 2.28 -0.73 1.21
N GLY A 115 3.34 -0.20 0.59
CA GLY A 115 4.01 0.99 1.08
C GLY A 115 5.48 0.78 1.37
N GLY A 116 6.19 1.84 1.74
CA GLY A 116 5.60 3.16 1.88
C GLY A 116 5.88 4.03 0.68
N GLY A 117 6.12 5.31 0.91
CA GLY A 117 6.32 6.24 -0.19
C GLY A 117 7.43 5.89 -1.16
N GLN A 118 8.57 5.47 -0.62
CA GLN A 118 9.69 5.12 -1.47
C GLN A 118 9.36 3.91 -2.34
N VAL A 119 8.74 2.91 -1.76
CA VAL A 119 8.51 1.68 -2.50
C VAL A 119 7.39 1.86 -3.54
N TYR A 120 6.44 2.75 -3.27
CA TYR A 120 5.41 3.03 -4.27
C TYR A 120 6.05 3.59 -5.55
N ALA A 121 7.00 4.50 -5.36
CA ALA A 121 7.69 5.12 -6.47
C ALA A 121 8.46 4.06 -7.28
N LEU A 122 9.09 3.12 -6.59
CA LEU A 122 9.85 2.05 -7.23
C LEU A 122 8.98 1.07 -8.02
N ALA A 123 7.78 0.80 -7.53
CA ALA A 123 6.93 -0.27 -8.05
C ALA A 123 5.90 0.19 -9.07
N LEU A 124 5.56 1.48 -9.03
CA LEU A 124 4.54 2.02 -9.92
C LEU A 124 4.70 1.66 -11.41
N PRO A 125 5.94 1.67 -11.96
CA PRO A 125 6.04 1.32 -13.39
C PRO A 125 5.55 -0.07 -13.76
N TYR A 126 5.45 -0.98 -12.78
CA TYR A 126 5.07 -2.37 -13.05
C TYR A 126 3.61 -2.63 -12.70
N ALA A 127 2.99 -1.64 -12.08
CA ALA A 127 1.63 -1.80 -11.56
C ALA A 127 0.54 -1.63 -12.62
N THR A 128 -0.50 -2.46 -12.52
CA THR A 128 -1.66 -2.34 -13.41
C THR A 128 -2.94 -2.12 -12.61
N ARG A 129 -2.84 -2.16 -11.28
CA ARG A 129 -3.96 -1.79 -10.43
C ARG A 129 -3.52 -0.87 -9.31
N CYS A 130 -4.40 0.05 -8.91
CA CYS A 130 -4.18 0.87 -7.73
C CYS A 130 -5.47 0.92 -6.92
N GLU A 131 -5.39 0.60 -5.64
CA GLU A 131 -6.55 0.71 -4.75
C GLU A 131 -6.25 1.81 -3.74
N VAL A 132 -6.97 2.90 -3.87
CA VAL A 132 -6.69 4.09 -3.08
C VAL A 132 -7.84 4.41 -2.16
N THR A 133 -7.54 4.61 -0.89
CA THR A 133 -8.50 5.17 0.04
C THR A 133 -8.15 6.65 0.20
N GLU A 134 -9.09 7.53 -0.13
CA GLU A 134 -8.88 8.95 0.10
C GLU A 134 -9.57 9.32 1.40
N VAL A 135 -8.83 9.95 2.31
CA VAL A 135 -9.36 10.36 3.59
C VAL A 135 -9.51 11.88 3.56
N ASP A 136 -10.71 12.38 3.86
CA ASP A 136 -10.98 13.81 3.79
C ASP A 136 -10.42 14.48 5.03
N ILE A 137 -9.10 14.62 5.07
CA ILE A 137 -8.41 15.25 6.17
C ILE A 137 -7.39 16.22 5.57
N GLY A 138 -7.41 17.46 6.02
CA GLY A 138 -6.52 18.48 5.50
C GLY A 138 -5.20 18.51 6.23
N LEU A 139 -4.34 17.55 5.91
CA LEU A 139 -2.98 17.55 6.43
C LEU A 139 -2.05 18.11 5.38
N PRO A 140 -1.62 19.36 5.55
CA PRO A 140 -0.66 19.88 4.57
C PRO A 140 0.64 19.09 4.60
N ARG A 141 1.30 18.95 3.45
CA ARG A 141 2.56 18.23 3.38
C ARG A 141 3.63 18.91 4.24
N GLU A 142 4.33 18.12 5.03
CA GLU A 142 5.37 18.62 5.92
C GLU A 142 6.68 17.90 5.63
N ALA A 143 7.79 18.52 6.02
CA ALA A 143 9.12 17.93 5.82
C ALA A 143 9.17 16.56 6.45
N GLY A 144 9.67 15.59 5.69
CA GLY A 144 9.81 14.24 6.19
C GLY A 144 8.61 13.33 5.96
N ASP A 145 7.48 13.90 5.54
CA ASP A 145 6.29 13.10 5.27
C ASP A 145 6.54 12.08 4.17
N ALA A 146 5.89 10.92 4.27
CA ALA A 146 5.81 9.98 3.15
C ALA A 146 4.61 10.39 2.30
N LEU A 147 4.78 10.35 0.98
CA LEU A 147 3.75 10.85 0.07
C LEU A 147 3.27 9.76 -0.88
N ALA A 148 2.01 9.86 -1.30
CA ALA A 148 1.46 8.95 -2.30
C ALA A 148 2.07 9.28 -3.64
N PRO A 149 2.15 8.29 -4.54
CA PRO A 149 2.56 8.66 -5.89
C PRO A 149 1.47 9.42 -6.62
N VAL A 150 1.88 10.24 -7.59
CA VAL A 150 0.95 10.96 -8.44
C VAL A 150 0.54 10.04 -9.58
N LEU A 151 -0.77 9.90 -9.79
CA LEU A 151 -1.25 9.05 -10.88
C LEU A 151 -1.47 9.86 -12.14
N ASP A 152 -0.98 9.36 -13.27
CA ASP A 152 -1.17 10.06 -14.54
C ASP A 152 -2.50 9.65 -15.19
N GLU A 153 -2.70 10.06 -16.44
CA GLU A 153 -3.98 9.85 -17.12
C GLU A 153 -4.13 8.46 -17.72
N THR A 154 -3.16 7.58 -17.47
CA THR A 154 -3.25 6.21 -17.97
C THR A 154 -4.16 5.39 -17.07
N TRP A 155 -4.37 5.87 -15.85
CA TRP A 155 -5.17 5.14 -14.88
C TRP A 155 -6.64 5.45 -15.08
N ARG A 156 -7.48 4.42 -14.97
CA ARG A 156 -8.93 4.59 -15.09
C ARG A 156 -9.64 3.68 -14.11
N GLY A 157 -10.90 3.96 -13.84
CA GLY A 157 -11.63 3.14 -12.89
C GLY A 157 -12.76 3.84 -12.17
N GLU A 158 -13.15 3.25 -11.04
CA GLU A 158 -14.36 3.64 -10.35
C GLU A 158 -14.03 4.46 -9.11
N THR A 159 -14.73 5.57 -8.96
CA THR A 159 -14.64 6.40 -7.76
C THR A 159 -15.84 6.11 -6.87
N GLY A 160 -15.58 5.78 -5.62
CA GLY A 160 -16.66 5.46 -4.70
C GLY A 160 -17.31 6.70 -4.13
N GLU A 161 -18.46 6.50 -3.51
CA GLU A 161 -19.16 7.57 -2.82
C GLU A 161 -18.49 7.82 -1.48
N TRP A 162 -18.52 9.07 -1.01
CA TRP A 162 -18.09 9.39 0.35
C TRP A 162 -18.87 8.58 1.38
N ARG A 163 -18.16 8.17 2.43
CA ARG A 163 -18.75 7.45 3.56
C ARG A 163 -18.18 8.04 4.83
N PHE A 164 -18.99 8.10 5.89
CA PHE A 164 -18.45 8.43 7.21
C PHE A 164 -17.99 7.13 7.88
N SER A 165 -16.80 7.17 8.47
CA SER A 165 -16.39 6.09 9.36
C SER A 165 -17.16 6.18 10.66
N ARG A 166 -16.98 5.18 11.50
CA ARG A 166 -17.57 5.20 12.84
C ARG A 166 -17.07 6.41 13.62
N SER A 167 -15.84 6.82 13.35
CA SER A 167 -15.22 7.94 14.07
C SER A 167 -15.67 9.31 13.55
N GLY A 168 -16.37 9.33 12.42
CA GLY A 168 -16.80 10.58 11.82
C GLY A 168 -15.89 11.07 10.70
N LEU A 169 -14.77 10.37 10.53
CA LEU A 169 -13.84 10.67 9.46
C LEU A 169 -14.46 10.30 8.12
N ARG A 170 -14.36 11.19 7.14
CA ARG A 170 -14.95 10.97 5.82
C ARG A 170 -13.94 10.35 4.86
N TYR A 171 -14.34 9.32 4.11
CA TYR A 171 -13.39 8.67 3.19
C TYR A 171 -14.11 8.08 1.97
N ARG A 172 -13.35 7.83 0.90
CA ARG A 172 -13.92 7.14 -0.25
C ARG A 172 -12.87 6.29 -0.93
N LEU A 173 -13.33 5.30 -1.68
CA LEU A 173 -12.44 4.33 -2.27
C LEU A 173 -12.35 4.52 -3.78
N TYR A 174 -11.13 4.49 -4.30
CA TYR A 174 -10.90 4.48 -5.72
C TYR A 174 -10.34 3.14 -6.12
N SER A 175 -10.90 2.54 -7.16
CA SER A 175 -10.34 1.33 -7.75
CA SER A 175 -10.32 1.34 -7.74
C SER A 175 -9.86 1.65 -9.16
N TYR A 176 -8.54 1.77 -9.33
CA TYR A 176 -7.96 2.12 -10.62
C TYR A 176 -7.28 0.94 -11.27
N HIS A 177 -7.24 0.95 -12.59
CA HIS A 177 -6.48 -0.04 -13.33
C HIS A 177 -6.02 0.53 -14.66
N ARG A 178 -5.17 -0.22 -15.34
CA ARG A 178 -4.68 0.16 -16.65
C ARG A 178 -4.13 -1.06 -17.35
N SER A 179 -3.82 -0.93 -18.64
CA SER A 179 -3.30 -2.04 -19.42
C SER A 179 -1.78 -2.20 -19.28
I IOD B . -4.29 -6.34 7.98
I IOD C . -6.87 0.45 12.43
I IOD D . -10.03 -11.77 5.77
I IOD E . -11.64 -4.24 -14.74
C1 EDO F . -5.17 3.64 7.93
O1 EDO F . -6.18 4.28 7.15
C2 EDO F . -5.37 3.88 9.43
O2 EDO F . -5.96 2.72 10.03
C1 EDO G . 8.69 8.55 7.11
O1 EDO G . 8.51 7.13 7.33
C2 EDO G . 7.38 9.27 7.35
O2 EDO G . 6.71 8.70 8.47
C11 GHU H . 0.56 -1.16 6.19
C14 GHU H . -1.41 -0.53 9.26
C15 GHU H . -0.99 0.72 9.78
C16 GHU H . -1.73 1.35 10.79
C17 GHU H . -2.89 0.74 11.29
C26 GHU H . -5.72 -3.60 13.04
C27 GHU H . -3.49 0.86 6.40
C28 GHU H . -4.57 -0.05 6.95
N01 GHU H . -3.31 0.66 2.16
C02 GHU H . -4.42 0.97 2.86
N03 GHU H . -5.55 1.24 2.13
N04 GHU H . -4.50 1.06 4.21
C05 GHU H . -3.37 0.79 4.92
C06 GHU H . -2.20 0.45 4.31
C07 GHU H . -2.18 0.40 2.88
N08 GHU H . -1.07 0.07 2.17
O09 GHU H . -1.02 0.21 4.99
C10 GHU H . -0.69 -1.14 5.29
C12 GHU H . 0.31 -0.45 7.54
O13 GHU H . -0.68 -1.17 8.26
C18 GHU H . -2.56 -1.14 9.76
C19 GHU H . -3.29 -0.50 10.77
C20 GHU H . -3.06 -2.48 9.26
C21 GHU H . -2.25 -3.64 9.86
C22 GHU H . -2.48 -3.66 11.35
O23 GHU H . -1.63 -3.43 12.21
O24 GHU H . -3.76 -3.88 11.69
C25 GHU H . -4.24 -3.25 12.88
PA NAP I . 9.32 2.75 2.93
O1A NAP I . 8.34 1.95 3.74
O2A NAP I . 9.13 2.92 1.45
O5B NAP I . 10.73 2.07 3.26
C5B NAP I . 11.94 2.66 2.79
C4B NAP I . 13.03 1.64 3.00
O4B NAP I . 12.93 0.68 1.96
C3B NAP I . 14.41 2.25 2.81
O3B NAP I . 14.86 2.91 3.99
C2B NAP I . 15.22 1.01 2.44
O2B NAP I . 15.40 0.17 3.57
C1B NAP I . 14.23 0.28 1.54
N9A NAP I . 14.44 0.69 0.13
C8A NAP I . 13.97 1.81 -0.46
N7A NAP I . 14.37 1.88 -1.76
C5A NAP I . 15.11 0.79 -2.00
C6A NAP I . 15.83 0.22 -3.15
N6A NAP I . 15.85 0.87 -4.35
N1A NAP I . 16.48 -0.94 -2.96
C2A NAP I . 16.48 -1.60 -1.79
N3A NAP I . 15.85 -1.15 -0.69
C4A NAP I . 15.16 0.01 -0.75
O3 NAP I . 9.59 4.17 3.68
PN NAP I . 8.76 5.55 3.66
O1N NAP I . 8.69 6.10 2.26
O2N NAP I . 9.39 6.38 4.75
O5D NAP I . 7.28 5.14 4.12
C5D NAP I . 6.99 4.75 5.46
C4D NAP I . 5.88 5.66 5.99
O4D NAP I . 4.68 5.47 5.22
C3D NAP I . 5.53 5.33 7.42
O3D NAP I . 5.16 6.59 8.03
C2D NAP I . 4.30 4.46 7.30
O2D NAP I . 3.46 4.60 8.44
C1D NAP I . 3.61 5.04 6.08
N1N NAP I . 2.73 4.12 5.35
C2N NAP I . 1.52 4.56 4.98
C3N NAP I . 0.64 3.76 4.25
C7N NAP I . -0.69 4.29 3.86
O7N NAP I . -1.35 3.70 3.00
N7N NAP I . -1.14 5.41 4.42
C4N NAP I . 1.05 2.47 3.89
C5N NAP I . 2.33 2.03 4.26
C6N NAP I . 3.15 2.88 5.00
P2B NAP I . 16.77 0.14 4.45
O1X NAP I . 16.81 1.53 5.08
O2X NAP I . 16.53 -0.94 5.47
O3X NAP I . 17.87 -0.09 3.46
#